data_1F4V
#
_entry.id   1F4V
#
_cell.length_a   54.232
_cell.length_b   54.233
_cell.length_c   347.433
_cell.angle_alpha   90.00
_cell.angle_beta   90.00
_cell.angle_gamma   120.00
#
_symmetry.space_group_name_H-M   'P 32 2 1'
#
loop_
_entity.id
_entity.type
_entity.pdbx_description
1 polymer 'CHEMOTAXIS CHEY PROTEIN'
2 polymer 'FLAGELLAR MOTOR SWITCH PROTEIN'
3 non-polymer 'MAGNESIUM ION'
4 non-polymer 'BERYLLIUM TRIFLUORIDE ION'
5 non-polymer GLYCEROL
6 water water
#
loop_
_entity_poly.entity_id
_entity_poly.type
_entity_poly.pdbx_seq_one_letter_code
_entity_poly.pdbx_strand_id
1 'polypeptide(L)'
;ADKELKFLVVDDFSTMRRIVRNLLKELGFNNVEEAEDGVDALNKLQAGGYGFVISDWNMPNMDGLELLKTIRADGAMSAL
PVLMVTAEAKKENIIAAAQAGASGYVVKPFTAATLEEKLNKIFEKLGM
;
A,B,C
2 'polypeptide(L)' MGDSILSQAEIDALLN D,E,F
#
# COMPACT_ATOMS: atom_id res chain seq x y z
N ALA A 1 -7.77 2.40 8.35
CA ALA A 1 -7.87 0.99 7.86
C ALA A 1 -8.54 0.94 6.50
N ASP A 2 -8.44 -0.22 5.85
CA ASP A 2 -9.04 -0.41 4.53
C ASP A 2 -10.57 -0.47 4.74
N LYS A 3 -11.35 0.19 3.90
CA LYS A 3 -12.80 0.20 4.07
C LYS A 3 -13.48 -1.14 3.84
N GLU A 4 -12.74 -2.11 3.32
CA GLU A 4 -13.27 -3.45 3.07
C GLU A 4 -12.96 -4.37 4.25
N LEU A 5 -12.27 -3.83 5.25
CA LEU A 5 -11.90 -4.58 6.45
C LEU A 5 -13.21 -5.27 6.93
N LYS A 6 -13.15 -6.56 7.22
CA LYS A 6 -14.37 -7.27 7.63
C LYS A 6 -14.56 -7.34 9.14
N PHE A 7 -15.68 -6.82 9.63
CA PHE A 7 -15.96 -6.81 11.08
C PHE A 7 -16.95 -7.87 11.53
N LEU A 8 -16.85 -8.28 12.81
CA LEU A 8 -17.80 -9.21 13.41
C LEU A 8 -18.30 -8.51 14.69
N VAL A 9 -19.59 -8.23 14.75
CA VAL A 9 -20.18 -7.56 15.92
C VAL A 9 -20.96 -8.61 16.66
N VAL A 10 -20.56 -8.82 17.89
CA VAL A 10 -21.14 -9.86 18.75
C VAL A 10 -21.86 -9.29 19.96
N ASP A 11 -23.15 -9.62 20.07
CA ASP A 11 -23.95 -9.20 21.20
C ASP A 11 -25.18 -10.10 21.22
N ASP A 12 -25.73 -10.38 22.41
CA ASP A 12 -26.91 -11.24 22.43
C ASP A 12 -28.23 -10.48 22.21
N PHE A 13 -28.14 -9.18 21.96
CA PHE A 13 -29.30 -8.34 21.69
C PHE A 13 -28.96 -7.48 20.48
N SER A 14 -29.90 -7.37 19.56
CA SER A 14 -29.68 -6.61 18.35
C SER A 14 -29.41 -5.11 18.54
N THR A 15 -29.93 -4.50 19.61
CA THR A 15 -29.73 -3.04 19.77
C THR A 15 -28.27 -2.64 19.60
N MET A 16 -27.38 -3.19 20.43
CA MET A 16 -25.95 -2.88 20.32
C MET A 16 -25.43 -3.17 18.93
N ARG A 17 -25.85 -4.28 18.33
CA ARG A 17 -25.35 -4.60 16.99
C ARG A 17 -25.75 -3.55 15.95
N ARG A 18 -26.99 -3.08 16.00
CA ARG A 18 -27.48 -2.06 15.06
C ARG A 18 -26.72 -0.75 15.25
N ILE A 19 -26.63 -0.31 16.50
CA ILE A 19 -25.88 0.91 16.78
C ILE A 19 -24.50 0.75 16.19
N VAL A 20 -23.74 -0.25 16.63
CA VAL A 20 -22.37 -0.42 16.10
C VAL A 20 -22.30 -0.56 14.59
N ARG A 21 -23.19 -1.35 14.00
CA ARG A 21 -23.18 -1.51 12.54
C ARG A 21 -23.41 -0.18 11.81
N ASN A 22 -24.32 0.63 12.34
CA ASN A 22 -24.59 1.95 11.74
C ASN A 22 -23.41 2.92 11.91
N LEU A 23 -22.79 2.95 13.09
CA LEU A 23 -21.62 3.82 13.27
C LEU A 23 -20.53 3.35 12.31
N LEU A 24 -20.33 2.04 12.21
CA LEU A 24 -19.32 1.53 11.28
C LEU A 24 -19.63 2.06 9.88
N LYS A 25 -20.89 1.95 9.47
CA LYS A 25 -21.29 2.46 8.14
C LYS A 25 -20.97 3.96 8.00
N GLU A 26 -21.27 4.74 9.01
CA GLU A 26 -20.96 6.18 8.96
C GLU A 26 -19.47 6.40 8.70
N LEU A 27 -18.60 5.55 9.28
CA LEU A 27 -17.15 5.71 9.09
C LEU A 27 -16.68 5.13 7.74
N GLY A 28 -17.59 4.49 7.01
CA GLY A 28 -17.23 3.96 5.71
C GLY A 28 -17.01 2.45 5.67
N PHE A 29 -17.32 1.74 6.75
CA PHE A 29 -17.12 0.28 6.76
C PHE A 29 -18.46 -0.44 6.66
N ASN A 30 -18.72 -1.06 5.51
CA ASN A 30 -19.97 -1.76 5.26
C ASN A 30 -19.86 -3.27 5.30
N ASN A 31 -18.64 -3.80 5.33
CA ASN A 31 -18.47 -5.25 5.34
C ASN A 31 -18.49 -5.69 6.81
N VAL A 32 -19.72 -5.86 7.31
CA VAL A 32 -19.99 -6.18 8.71
C VAL A 32 -20.98 -7.34 8.90
N GLU A 33 -20.57 -8.36 9.67
CA GLU A 33 -21.42 -9.50 9.95
C GLU A 33 -21.68 -9.46 11.44
N GLU A 34 -22.67 -10.23 11.90
CA GLU A 34 -23.06 -10.25 13.31
C GLU A 34 -23.13 -11.66 13.86
N ALA A 35 -23.03 -11.79 15.18
CA ALA A 35 -23.09 -13.09 15.86
C ALA A 35 -23.83 -12.79 17.16
N GLU A 36 -24.41 -13.83 17.77
CA GLU A 36 -25.21 -13.61 18.97
C GLU A 36 -24.60 -14.04 20.29
N ASP A 37 -23.46 -14.74 20.24
CA ASP A 37 -22.77 -15.13 21.46
C ASP A 37 -21.39 -15.61 21.07
N GLY A 38 -20.57 -16.00 22.05
CA GLY A 38 -19.20 -16.44 21.74
C GLY A 38 -19.09 -17.62 20.80
N VAL A 39 -19.93 -18.62 21.00
CA VAL A 39 -19.90 -19.83 20.16
C VAL A 39 -20.30 -19.45 18.76
N ASP A 40 -21.42 -18.77 18.64
CA ASP A 40 -21.89 -18.32 17.32
C ASP A 40 -20.76 -17.50 16.66
N ALA A 41 -20.10 -16.65 17.44
CA ALA A 41 -18.99 -15.84 16.89
C ALA A 41 -17.83 -16.72 16.41
N LEU A 42 -17.45 -17.70 17.22
CA LEU A 42 -16.35 -18.58 16.81
C LEU A 42 -16.69 -19.35 15.54
N ASN A 43 -17.94 -19.77 15.38
CA ASN A 43 -18.28 -20.44 14.13
C ASN A 43 -18.03 -19.56 12.91
N LYS A 44 -18.32 -18.27 13.01
CA LYS A 44 -18.07 -17.40 11.85
C LYS A 44 -16.60 -17.08 11.68
N LEU A 45 -15.90 -16.82 12.77
CA LEU A 45 -14.47 -16.50 12.68
C LEU A 45 -13.70 -17.66 12.08
N GLN A 46 -14.09 -18.90 12.40
CA GLN A 46 -13.42 -20.06 11.84
C GLN A 46 -13.58 -20.10 10.32
N ALA A 47 -14.65 -19.50 9.81
CA ALA A 47 -14.83 -19.46 8.36
C ALA A 47 -13.73 -18.61 7.70
N GLY A 48 -13.07 -17.77 8.49
CA GLY A 48 -11.98 -16.94 7.96
C GLY A 48 -12.37 -15.62 7.32
N GLY A 49 -11.35 -14.81 7.04
CA GLY A 49 -11.57 -13.52 6.41
C GLY A 49 -11.81 -12.30 7.32
N TYR A 50 -12.10 -12.53 8.59
CA TYR A 50 -12.33 -11.43 9.51
C TYR A 50 -11.07 -10.64 9.87
N GLY A 51 -11.26 -9.35 10.12
CA GLY A 51 -10.16 -8.50 10.48
C GLY A 51 -10.38 -7.71 11.75
N PHE A 52 -11.57 -7.80 12.33
CA PHE A 52 -11.83 -7.02 13.54
C PHE A 52 -13.05 -7.58 14.26
N VAL A 53 -12.94 -7.69 15.58
CA VAL A 53 -14.04 -8.21 16.39
C VAL A 53 -14.45 -7.18 17.43
N ILE A 54 -15.75 -6.96 17.56
CA ILE A 54 -16.27 -6.02 18.55
C ILE A 54 -17.31 -6.85 19.26
N SER A 55 -17.23 -6.99 20.57
CA SER A 55 -18.22 -7.80 21.21
C SER A 55 -18.62 -7.48 22.66
N ASP A 56 -19.85 -7.86 22.96
CA ASP A 56 -20.46 -7.65 24.26
C ASP A 56 -19.78 -8.57 25.30
N TRP A 57 -20.12 -8.42 26.57
CA TRP A 57 -19.53 -9.31 27.56
C TRP A 57 -20.55 -10.37 27.97
N ASN A 58 -21.64 -9.93 28.60
CA ASN A 58 -22.68 -10.84 29.08
C ASN A 58 -23.46 -11.45 27.94
N MET A 59 -23.18 -12.72 27.65
CA MET A 59 -23.86 -13.46 26.58
C MET A 59 -23.92 -14.93 26.99
N PRO A 60 -25.02 -15.64 26.68
CA PRO A 60 -25.12 -17.06 27.04
C PRO A 60 -24.16 -17.88 26.16
N ASN A 61 -24.04 -19.18 26.45
CA ASN A 61 -23.18 -20.11 25.70
C ASN A 61 -21.67 -19.89 25.85
N MET A 62 -21.25 -18.65 25.69
CA MET A 62 -19.85 -18.28 25.88
C MET A 62 -19.85 -16.76 25.91
N ASP A 63 -19.43 -16.21 27.05
CA ASP A 63 -19.41 -14.77 27.19
C ASP A 63 -18.25 -14.12 26.46
N GLY A 64 -18.19 -12.79 26.55
CA GLY A 64 -17.18 -12.03 25.87
C GLY A 64 -15.73 -12.25 26.28
N LEU A 65 -15.49 -12.45 27.58
CA LEU A 65 -14.15 -12.66 28.12
C LEU A 65 -13.65 -13.99 27.62
N GLU A 66 -14.52 -15.02 27.72
CA GLU A 66 -14.16 -16.35 27.21
C GLU A 66 -13.94 -16.25 25.70
N LEU A 67 -14.77 -15.51 24.97
CA LEU A 67 -14.55 -15.40 23.52
C LEU A 67 -13.15 -14.79 23.29
N LEU A 68 -12.87 -13.66 23.94
CA LEU A 68 -11.56 -12.97 23.83
C LEU A 68 -10.40 -13.97 24.10
N LYS A 69 -10.49 -14.67 25.23
CA LYS A 69 -9.46 -15.67 25.56
C LYS A 69 -9.30 -16.77 24.49
N THR A 70 -10.38 -17.26 23.89
CA THR A 70 -10.19 -18.33 22.91
C THR A 70 -9.54 -17.73 21.69
N ILE A 71 -10.03 -16.56 21.26
CA ILE A 71 -9.42 -15.89 20.11
C ILE A 71 -7.91 -15.67 20.31
N ARG A 72 -7.55 -15.13 21.49
CA ARG A 72 -6.13 -14.86 21.78
C ARG A 72 -5.29 -16.14 21.80
N ALA A 73 -5.88 -17.28 22.16
CA ALA A 73 -5.11 -18.54 22.18
C ALA A 73 -5.14 -19.28 20.85
N ASP A 74 -5.87 -18.78 19.86
CA ASP A 74 -5.97 -19.50 18.60
C ASP A 74 -4.94 -19.07 17.59
N GLY A 75 -4.10 -20.01 17.20
CA GLY A 75 -3.04 -19.72 16.24
C GLY A 75 -3.47 -19.03 14.96
N ALA A 76 -4.75 -19.11 14.63
CA ALA A 76 -5.24 -18.50 13.41
C ALA A 76 -5.95 -17.17 13.66
N MET A 77 -6.07 -16.78 14.93
CA MET A 77 -6.77 -15.54 15.30
C MET A 77 -6.09 -14.76 16.43
N SER A 78 -4.97 -15.25 16.93
CA SER A 78 -4.32 -14.66 18.09
C SER A 78 -4.11 -13.16 18.13
N ALA A 79 -3.91 -12.55 16.97
CA ALA A 79 -3.70 -11.09 16.90
C ALA A 79 -4.97 -10.32 16.42
N LEU A 80 -6.11 -11.00 16.35
CA LEU A 80 -7.34 -10.35 15.91
C LEU A 80 -7.75 -9.23 16.87
N PRO A 81 -7.97 -8.02 16.35
CA PRO A 81 -8.37 -6.93 17.25
C PRO A 81 -9.71 -7.34 17.89
N VAL A 82 -9.82 -7.16 19.20
CA VAL A 82 -11.04 -7.48 19.92
C VAL A 82 -11.35 -6.25 20.79
N LEU A 83 -12.41 -5.53 20.43
CA LEU A 83 -12.83 -4.35 21.18
C LEU A 83 -14.07 -4.72 21.99
N MET A 84 -14.00 -4.60 23.31
CA MET A 84 -15.14 -4.92 24.14
C MET A 84 -16.04 -3.69 24.22
N VAL A 85 -17.34 -3.91 24.06
CA VAL A 85 -18.38 -2.88 24.14
C VAL A 85 -19.42 -3.55 25.01
N THR A 86 -19.51 -3.11 26.26
CA THR A 86 -20.35 -3.79 27.21
C THR A 86 -20.79 -2.89 28.37
N ALA A 87 -21.87 -3.28 29.06
CA ALA A 87 -22.36 -2.53 30.22
C ALA A 87 -21.51 -2.89 31.42
N GLU A 88 -20.73 -3.96 31.29
CA GLU A 88 -19.89 -4.40 32.40
C GLU A 88 -18.85 -3.33 32.73
N ALA A 89 -18.83 -2.88 33.99
CA ALA A 89 -17.89 -1.84 34.38
C ALA A 89 -17.26 -2.01 35.74
N LYS A 90 -17.39 -3.19 36.33
CA LYS A 90 -16.78 -3.42 37.63
C LYS A 90 -15.29 -3.54 37.38
N LYS A 91 -14.49 -2.98 38.28
CA LYS A 91 -13.04 -2.99 38.17
C LYS A 91 -12.36 -4.36 38.00
N GLU A 92 -12.73 -5.34 38.81
CA GLU A 92 -12.09 -6.63 38.66
C GLU A 92 -12.28 -7.17 37.22
N ASN A 93 -13.39 -6.82 36.57
CA ASN A 93 -13.66 -7.30 35.21
C ASN A 93 -12.90 -6.52 34.17
N ILE A 94 -12.75 -5.22 34.39
CA ILE A 94 -11.99 -4.39 33.47
C ILE A 94 -10.54 -4.90 33.47
N ILE A 95 -10.00 -5.09 34.65
CA ILE A 95 -8.65 -5.58 34.78
C ILE A 95 -8.53 -6.95 34.13
N ALA A 96 -9.54 -7.80 34.30
CA ALA A 96 -9.48 -9.14 33.68
C ALA A 96 -9.43 -9.04 32.14
N ALA A 97 -10.27 -8.17 31.58
CA ALA A 97 -10.29 -8.01 30.12
C ALA A 97 -8.95 -7.53 29.63
N ALA A 98 -8.35 -6.61 30.38
CA ALA A 98 -7.05 -6.09 30.01
C ALA A 98 -5.99 -7.19 30.07
N GLN A 99 -5.97 -7.97 31.14
CA GLN A 99 -4.97 -9.04 31.32
C GLN A 99 -5.15 -10.13 30.26
N ALA A 100 -6.37 -10.30 29.74
CA ALA A 100 -6.61 -11.30 28.71
C ALA A 100 -6.30 -10.82 27.32
N GLY A 101 -5.88 -9.56 27.20
CA GLY A 101 -5.52 -9.03 25.90
C GLY A 101 -6.58 -8.32 25.07
N ALA A 102 -7.55 -7.71 25.74
CA ALA A 102 -8.57 -6.99 24.98
C ALA A 102 -7.84 -5.83 24.30
N SER A 103 -8.26 -5.52 23.08
CA SER A 103 -7.64 -4.46 22.31
C SER A 103 -8.16 -3.07 22.73
N GLY A 104 -9.31 -3.04 23.39
CA GLY A 104 -9.92 -1.80 23.78
C GLY A 104 -11.17 -2.13 24.57
N TYR A 105 -11.74 -1.14 25.23
CA TYR A 105 -12.91 -1.33 26.08
C TYR A 105 -13.80 -0.07 26.14
N VAL A 106 -15.05 -0.22 25.74
CA VAL A 106 -16.02 0.87 25.73
C VAL A 106 -17.20 0.46 26.56
N VAL A 107 -17.64 1.34 27.45
CA VAL A 107 -18.76 1.04 28.33
C VAL A 107 -20.11 1.50 27.78
N LYS A 108 -21.09 0.61 27.83
CA LYS A 108 -22.44 0.98 27.37
C LYS A 108 -23.12 1.82 28.48
N PRO A 109 -23.85 2.89 28.11
CA PRO A 109 -24.14 3.48 26.81
C PRO A 109 -22.94 4.31 26.40
N PHE A 110 -22.65 4.32 25.12
CA PHE A 110 -21.48 5.03 24.62
C PHE A 110 -21.90 5.95 23.49
N THR A 111 -21.17 7.05 23.34
CA THR A 111 -21.46 8.04 22.31
C THR A 111 -20.77 7.62 21.02
N ALA A 112 -21.19 8.21 19.91
CA ALA A 112 -20.59 7.95 18.60
C ALA A 112 -19.11 8.34 18.63
N ALA A 113 -18.81 9.43 19.33
CA ALA A 113 -17.43 9.91 19.44
C ALA A 113 -16.48 8.90 20.11
N THR A 114 -16.93 8.34 21.22
CA THR A 114 -16.16 7.36 21.97
C THR A 114 -15.80 6.14 21.11
N LEU A 115 -16.78 5.61 20.36
CA LEU A 115 -16.52 4.43 19.50
C LEU A 115 -15.57 4.76 18.35
N GLU A 116 -15.80 5.87 17.68
CA GLU A 116 -14.94 6.26 16.59
C GLU A 116 -13.51 6.49 17.13
N GLU A 117 -13.43 7.10 18.32
CA GLU A 117 -12.14 7.37 18.92
C GLU A 117 -11.39 6.06 19.18
N LYS A 118 -12.02 5.17 19.93
CA LYS A 118 -11.40 3.89 20.25
C LYS A 118 -11.05 3.10 19.00
N LEU A 119 -11.98 3.04 18.06
CA LEU A 119 -11.74 2.33 16.81
C LEU A 119 -10.52 2.87 16.09
N ASN A 120 -10.46 4.19 15.92
CA ASN A 120 -9.35 4.81 15.23
C ASN A 120 -7.97 4.56 15.85
N LYS A 121 -7.90 4.46 17.17
CA LYS A 121 -6.63 4.22 17.79
C LYS A 121 -6.18 2.80 17.47
N ILE A 122 -7.10 1.84 17.51
CA ILE A 122 -6.74 0.47 17.17
C ILE A 122 -6.33 0.42 15.69
N PHE A 123 -7.07 1.11 14.83
CA PHE A 123 -6.74 1.15 13.40
C PHE A 123 -5.31 1.63 13.13
N GLU A 124 -4.89 2.66 13.88
CA GLU A 124 -3.56 3.21 13.70
C GLU A 124 -2.50 2.15 13.93
N LYS A 125 -2.72 1.31 14.93
CA LYS A 125 -1.77 0.25 15.21
C LYS A 125 -1.71 -0.75 14.09
N LEU A 126 -2.86 -1.05 13.49
CA LEU A 126 -2.92 -2.00 12.38
C LEU A 126 -2.11 -1.52 11.19
N GLY A 127 -1.81 -0.22 11.16
CA GLY A 127 -1.03 0.30 10.05
C GLY A 127 0.44 0.36 10.45
N MET A 128 0.70 0.26 11.77
CA MET A 128 2.01 0.32 12.48
C MET A 128 2.05 1.37 13.62
N ALA B 1 0.66 -23.01 -3.72
CA ALA B 1 1.36 -24.32 -3.78
C ALA B 1 0.92 -25.21 -2.63
N ASP B 2 1.74 -26.17 -2.24
CA ASP B 2 1.38 -27.05 -1.13
C ASP B 2 1.42 -26.27 0.17
N LYS B 3 0.64 -26.74 1.14
CA LYS B 3 0.56 -26.10 2.44
C LYS B 3 1.84 -26.26 3.26
N GLU B 4 2.81 -27.00 2.72
CA GLU B 4 4.07 -27.22 3.43
C GLU B 4 5.13 -26.20 3.08
N LEU B 5 4.77 -25.29 2.17
CA LEU B 5 5.69 -24.25 1.74
C LEU B 5 6.18 -23.53 3.00
N LYS B 6 7.48 -23.31 3.10
CA LYS B 6 8.03 -22.65 4.28
C LYS B 6 8.16 -21.14 4.08
N PHE B 7 7.43 -20.40 4.92
CA PHE B 7 7.45 -18.94 4.85
C PHE B 7 8.35 -18.30 5.89
N LEU B 8 8.94 -17.18 5.52
CA LEU B 8 9.72 -16.39 6.45
C LEU B 8 8.95 -15.05 6.53
N VAL B 9 8.46 -14.70 7.72
CA VAL B 9 7.71 -13.45 7.92
C VAL B 9 8.63 -12.43 8.59
N VAL B 10 8.98 -11.38 7.85
CA VAL B 10 9.90 -10.39 8.38
C VAL B 10 9.29 -8.99 8.60
N ASP B 11 9.22 -8.60 9.88
CA ASP B 11 8.69 -7.31 10.30
C ASP B 11 9.26 -7.04 11.69
N ASP B 12 9.62 -5.81 11.99
CA ASP B 12 10.13 -5.48 13.33
C ASP B 12 9.03 -5.33 14.37
N PHE B 13 7.80 -5.16 13.89
CA PHE B 13 6.63 -5.02 14.77
C PHE B 13 6.10 -6.44 15.02
N SER B 14 6.45 -7.01 16.16
CA SER B 14 6.03 -8.38 16.47
C SER B 14 4.52 -8.60 16.35
N THR B 15 3.74 -7.56 16.60
CA THR B 15 2.28 -7.65 16.46
C THR B 15 1.92 -7.99 15.01
N MET B 16 2.59 -7.32 14.08
CA MET B 16 2.32 -7.51 12.68
C MET B 16 2.79 -8.88 12.22
N ARG B 17 3.89 -9.37 12.77
CA ARG B 17 4.35 -10.69 12.35
C ARG B 17 3.26 -11.70 12.75
N ARG B 18 2.68 -11.48 13.92
CA ARG B 18 1.65 -12.39 14.39
C ARG B 18 0.42 -12.33 13.49
N ILE B 19 0.07 -11.13 13.04
CA ILE B 19 -1.09 -10.97 12.16
C ILE B 19 -0.90 -11.71 10.83
N VAL B 20 0.28 -11.54 10.22
CA VAL B 20 0.57 -12.20 8.96
C VAL B 20 0.60 -13.71 9.13
N ARG B 21 1.04 -14.17 10.30
CA ARG B 21 1.11 -15.59 10.54
C ARG B 21 -0.28 -16.15 10.72
N ASN B 22 -1.13 -15.41 11.43
CA ASN B 22 -2.53 -15.80 11.66
C ASN B 22 -3.20 -16.09 10.32
N LEU B 23 -3.08 -15.12 9.41
CA LEU B 23 -3.66 -15.23 8.09
C LEU B 23 -3.07 -16.41 7.34
N LEU B 24 -1.74 -16.47 7.23
CA LEU B 24 -1.10 -17.59 6.56
C LEU B 24 -1.74 -18.90 7.03
N LYS B 25 -1.81 -19.12 8.35
CA LYS B 25 -2.41 -20.34 8.87
C LYS B 25 -3.87 -20.47 8.48
N GLU B 26 -4.56 -19.35 8.33
CA GLU B 26 -5.96 -19.38 7.96
C GLU B 26 -6.04 -19.91 6.53
N LEU B 27 -5.09 -19.49 5.71
CA LEU B 27 -5.05 -19.93 4.32
C LEU B 27 -4.54 -21.36 4.18
N GLY B 28 -3.96 -21.92 5.23
CA GLY B 28 -3.47 -23.29 5.16
C GLY B 28 -1.99 -23.52 5.42
N PHE B 29 -1.18 -22.50 5.20
CA PHE B 29 0.26 -22.63 5.42
C PHE B 29 0.62 -22.55 6.89
N ASN B 30 1.10 -23.68 7.43
CA ASN B 30 1.49 -23.79 8.83
C ASN B 30 2.99 -23.74 9.06
N ASN B 31 3.77 -23.84 8.00
CA ASN B 31 5.21 -23.84 8.12
C ASN B 31 5.73 -22.42 7.94
N VAL B 32 5.54 -21.62 8.98
CA VAL B 32 5.92 -20.21 8.98
C VAL B 32 6.93 -19.84 10.05
N GLU B 33 7.97 -19.11 9.65
CA GLU B 33 9.01 -18.67 10.58
C GLU B 33 9.07 -17.14 10.57
N GLU B 34 9.66 -16.57 11.61
CA GLU B 34 9.75 -15.11 11.75
C GLU B 34 11.14 -14.52 11.89
N ALA B 35 11.31 -13.30 11.39
CA ALA B 35 12.56 -12.56 11.51
C ALA B 35 12.13 -11.14 11.90
N GLU B 36 12.98 -10.43 12.64
CA GLU B 36 12.64 -9.08 13.10
C GLU B 36 13.31 -7.96 12.33
N ASP B 37 14.20 -8.31 11.41
CA ASP B 37 14.84 -7.30 10.57
C ASP B 37 15.59 -7.98 9.42
N GLY B 38 16.18 -7.18 8.51
CA GLY B 38 16.91 -7.75 7.39
C GLY B 38 18.02 -8.70 7.79
N VAL B 39 18.89 -8.26 8.70
CA VAL B 39 20.00 -9.09 9.15
C VAL B 39 19.51 -10.44 9.65
N ASP B 40 18.57 -10.39 10.60
CA ASP B 40 17.96 -11.59 11.18
C ASP B 40 17.39 -12.53 10.10
N ALA B 41 16.71 -11.93 9.13
CA ALA B 41 16.09 -12.68 8.04
C ALA B 41 17.13 -13.47 7.25
N LEU B 42 18.16 -12.78 6.77
CA LEU B 42 19.21 -13.45 6.00
C LEU B 42 19.81 -14.61 6.79
N ASN B 43 20.02 -14.43 8.09
CA ASN B 43 20.59 -15.52 8.87
C ASN B 43 19.67 -16.73 8.84
N LYS B 44 18.37 -16.51 8.95
CA LYS B 44 17.46 -17.65 8.93
C LYS B 44 17.34 -18.22 7.52
N LEU B 45 17.55 -17.37 6.52
CA LEU B 45 17.49 -17.81 5.13
C LEU B 45 18.69 -18.67 4.74
N GLN B 46 19.70 -18.73 5.60
CA GLN B 46 20.88 -19.54 5.32
C GLN B 46 20.56 -21.00 5.65
N ALA B 47 19.66 -21.22 6.60
CA ALA B 47 19.28 -22.57 6.98
C ALA B 47 18.59 -23.28 5.81
N GLY B 48 18.25 -22.50 4.77
CA GLY B 48 17.59 -23.06 3.60
C GLY B 48 16.21 -23.67 3.85
N GLY B 49 15.52 -23.99 2.75
CA GLY B 49 14.20 -24.58 2.85
C GLY B 49 13.05 -23.61 2.69
N TYR B 50 13.38 -22.32 2.60
CA TYR B 50 12.38 -21.27 2.46
C TYR B 50 11.86 -21.09 1.05
N GLY B 51 10.55 -21.30 0.88
CA GLY B 51 9.96 -21.16 -0.42
C GLY B 51 9.24 -19.84 -0.61
N PHE B 52 9.17 -19.03 0.44
CA PHE B 52 8.48 -17.75 0.34
C PHE B 52 8.84 -16.76 1.45
N VAL B 53 9.09 -15.50 1.06
CA VAL B 53 9.43 -14.43 1.99
C VAL B 53 8.44 -13.25 1.94
N ILE B 54 7.93 -12.88 3.11
CA ILE B 54 7.03 -11.72 3.24
C ILE B 54 7.80 -10.70 4.09
N SER B 55 8.03 -9.51 3.52
CA SER B 55 8.81 -8.52 4.25
C SER B 55 8.30 -7.10 4.40
N ASP B 56 8.54 -6.53 5.59
CA ASP B 56 8.20 -5.15 5.93
C ASP B 56 9.29 -4.32 5.24
N TRP B 57 9.17 -3.00 5.28
CA TRP B 57 10.19 -2.14 4.69
C TRP B 57 11.02 -1.54 5.83
N ASN B 58 10.41 -0.63 6.58
CA ASN B 58 11.07 0.02 7.72
C ASN B 58 11.34 -0.97 8.86
N MET B 59 12.63 -1.19 9.11
CA MET B 59 13.13 -2.11 10.14
C MET B 59 14.54 -1.67 10.52
N PRO B 60 14.94 -1.87 11.78
CA PRO B 60 16.29 -1.47 12.16
C PRO B 60 17.33 -2.45 11.58
N ASN B 61 18.58 -2.00 11.50
CA ASN B 61 19.70 -2.80 11.02
C ASN B 61 19.75 -3.19 9.55
N MET B 62 18.59 -3.36 8.94
CA MET B 62 18.53 -3.68 7.51
C MET B 62 17.08 -3.62 7.12
N ASP B 63 16.73 -2.66 6.29
CA ASP B 63 15.36 -2.50 5.87
C ASP B 63 14.99 -3.51 4.79
N GLY B 64 13.70 -3.61 4.48
CA GLY B 64 13.24 -4.56 3.49
C GLY B 64 13.77 -4.34 2.08
N LEU B 65 14.19 -3.13 1.75
CA LEU B 65 14.68 -2.86 0.41
C LEU B 65 16.01 -3.60 0.21
N GLU B 66 16.92 -3.42 1.14
CA GLU B 66 18.21 -4.06 1.05
C GLU B 66 18.08 -5.56 1.27
N LEU B 67 17.07 -5.96 2.04
CA LEU B 67 16.83 -7.37 2.29
C LEU B 67 16.47 -7.99 0.93
N LEU B 68 15.61 -7.29 0.20
CA LEU B 68 15.16 -7.72 -1.12
C LEU B 68 16.32 -7.83 -2.11
N LYS B 69 17.15 -6.81 -2.15
CA LYS B 69 18.29 -6.80 -3.06
C LYS B 69 19.28 -7.92 -2.79
N THR B 70 19.61 -8.14 -1.53
CA THR B 70 20.57 -9.18 -1.21
C THR B 70 20.01 -10.56 -1.58
N ILE B 71 18.70 -10.73 -1.48
CA ILE B 71 18.08 -12.00 -1.84
C ILE B 71 18.13 -12.18 -3.35
N ARG B 72 17.82 -11.12 -4.08
CA ARG B 72 17.82 -11.14 -5.53
C ARG B 72 19.21 -11.32 -6.10
N ALA B 73 20.19 -10.64 -5.49
CA ALA B 73 21.58 -10.72 -5.95
C ALA B 73 22.29 -12.00 -5.50
N ASP B 74 21.58 -12.86 -4.78
CA ASP B 74 22.15 -14.12 -4.30
C ASP B 74 21.81 -15.22 -5.30
N GLY B 75 22.78 -16.07 -5.60
CA GLY B 75 22.57 -17.15 -6.55
C GLY B 75 21.56 -18.21 -6.16
N ALA B 76 21.66 -18.71 -4.94
CA ALA B 76 20.75 -19.75 -4.46
C ALA B 76 19.33 -19.25 -4.17
N MET B 77 19.17 -17.93 -4.02
CA MET B 77 17.87 -17.36 -3.72
C MET B 77 17.40 -16.38 -4.78
N SER B 78 18.25 -16.15 -5.77
CA SER B 78 17.96 -15.21 -6.86
C SER B 78 16.48 -15.00 -7.20
N ALA B 79 15.68 -16.05 -7.13
CA ALA B 79 14.26 -15.93 -7.47
C ALA B 79 13.25 -16.25 -6.38
N LEU B 80 13.70 -16.37 -5.13
CA LEU B 80 12.80 -16.64 -4.02
C LEU B 80 11.72 -15.55 -4.03
N PRO B 81 10.45 -15.93 -3.85
CA PRO B 81 9.37 -14.94 -3.84
C PRO B 81 9.49 -13.99 -2.64
N VAL B 82 9.41 -12.70 -2.91
CA VAL B 82 9.50 -11.73 -1.84
C VAL B 82 8.32 -10.76 -1.94
N LEU B 83 7.38 -10.93 -1.01
CA LEU B 83 6.21 -10.06 -0.94
C LEU B 83 6.37 -8.94 0.09
N MET B 84 6.34 -7.71 -0.37
CA MET B 84 6.44 -6.60 0.56
C MET B 84 5.08 -6.31 1.17
N VAL B 85 5.02 -6.16 2.49
CA VAL B 85 3.80 -5.79 3.20
C VAL B 85 4.30 -4.65 4.08
N THR B 86 4.00 -3.43 3.66
CA THR B 86 4.50 -2.26 4.34
C THR B 86 3.59 -1.03 4.38
N ALA B 87 3.85 -0.13 5.33
CA ALA B 87 3.07 1.08 5.45
C ALA B 87 3.60 2.10 4.44
N GLU B 88 4.81 1.90 3.93
CA GLU B 88 5.41 2.82 2.95
C GLU B 88 4.73 2.75 1.58
N ALA B 89 4.17 3.87 1.13
CA ALA B 89 3.49 3.91 -0.16
C ALA B 89 3.88 5.10 -1.01
N LYS B 90 4.94 5.81 -0.62
CA LYS B 90 5.37 6.94 -1.43
C LYS B 90 5.80 6.39 -2.78
N LYS B 91 5.74 7.23 -3.78
CA LYS B 91 6.11 6.87 -5.14
C LYS B 91 7.55 6.29 -5.22
N GLU B 92 8.50 6.88 -4.51
CA GLU B 92 9.88 6.38 -4.52
C GLU B 92 9.96 4.96 -3.97
N ASN B 93 9.11 4.61 -3.02
CA ASN B 93 9.11 3.27 -2.47
C ASN B 93 8.69 2.25 -3.53
N ILE B 94 7.61 2.57 -4.27
CA ILE B 94 7.12 1.66 -5.30
C ILE B 94 8.12 1.46 -6.44
N ILE B 95 8.70 2.56 -6.91
CA ILE B 95 9.69 2.45 -7.97
C ILE B 95 10.81 1.55 -7.48
N ALA B 96 11.54 1.99 -6.45
CA ALA B 96 12.64 1.21 -5.90
C ALA B 96 12.28 -0.25 -5.69
N ALA B 97 11.09 -0.52 -5.16
CA ALA B 97 10.69 -1.92 -4.95
C ALA B 97 10.51 -2.64 -6.30
N ALA B 98 10.03 -1.89 -7.28
CA ALA B 98 9.81 -2.44 -8.61
C ALA B 98 11.17 -2.76 -9.23
N GLN B 99 12.09 -1.80 -9.19
CA GLN B 99 13.43 -2.00 -9.75
C GLN B 99 14.11 -3.20 -9.08
N ALA B 100 14.02 -3.29 -7.76
CA ALA B 100 14.65 -4.35 -6.98
C ALA B 100 14.11 -5.77 -7.19
N GLY B 101 12.96 -5.92 -7.84
CA GLY B 101 12.43 -7.24 -8.08
C GLY B 101 11.42 -7.77 -7.09
N ALA B 102 10.69 -6.87 -6.43
CA ALA B 102 9.66 -7.25 -5.48
C ALA B 102 8.64 -8.13 -6.21
N SER B 103 8.31 -9.28 -5.64
CA SER B 103 7.33 -10.17 -6.27
C SER B 103 5.93 -9.57 -6.19
N GLY B 104 5.65 -8.85 -5.11
CA GLY B 104 4.35 -8.23 -4.92
C GLY B 104 4.48 -7.10 -3.91
N TYR B 105 3.40 -6.34 -3.70
CA TYR B 105 3.46 -5.19 -2.77
C TYR B 105 2.11 -4.88 -2.13
N VAL B 106 2.06 -4.99 -0.81
CA VAL B 106 0.85 -4.76 -0.02
C VAL B 106 1.09 -3.64 0.98
N VAL B 107 0.23 -2.62 0.93
CA VAL B 107 0.30 -1.49 1.86
C VAL B 107 -0.55 -1.73 3.10
N LYS B 108 0.02 -1.41 4.26
CA LYS B 108 -0.67 -1.52 5.54
C LYS B 108 -1.46 -0.23 5.65
N PRO B 109 -2.66 -0.25 6.26
CA PRO B 109 -3.31 -1.43 6.86
C PRO B 109 -3.86 -2.25 5.69
N PHE B 110 -3.98 -3.54 5.85
CA PHE B 110 -4.47 -4.33 4.74
C PHE B 110 -5.50 -5.33 5.25
N THR B 111 -6.19 -5.97 4.31
CA THR B 111 -7.18 -6.97 4.65
C THR B 111 -6.71 -8.39 4.35
N ALA B 112 -7.42 -9.34 4.93
CA ALA B 112 -7.14 -10.73 4.72
C ALA B 112 -7.29 -10.96 3.21
N ALA B 113 -8.36 -10.43 2.63
CA ALA B 113 -8.62 -10.60 1.19
C ALA B 113 -7.45 -10.15 0.35
N THR B 114 -7.02 -8.91 0.57
CA THR B 114 -5.90 -8.40 -0.19
C THR B 114 -4.65 -9.28 -0.10
N LEU B 115 -4.33 -9.75 1.09
CA LEU B 115 -3.15 -10.58 1.26
C LEU B 115 -3.31 -11.89 0.49
N GLU B 116 -4.43 -12.57 0.71
CA GLU B 116 -4.71 -13.81 0.01
C GLU B 116 -4.62 -13.54 -1.48
N GLU B 117 -5.21 -12.44 -1.93
CA GLU B 117 -5.20 -12.12 -3.35
C GLU B 117 -3.79 -12.00 -3.92
N LYS B 118 -2.95 -11.18 -3.30
CA LYS B 118 -1.59 -10.97 -3.79
C LYS B 118 -0.71 -12.21 -3.64
N LEU B 119 -1.05 -13.10 -2.72
CA LEU B 119 -0.27 -14.34 -2.56
C LEU B 119 -0.59 -15.27 -3.73
N ASN B 120 -1.87 -15.46 -4.04
CA ASN B 120 -2.25 -16.33 -5.16
C ASN B 120 -1.69 -15.76 -6.45
N LYS B 121 -1.79 -14.43 -6.60
CA LYS B 121 -1.30 -13.73 -7.79
C LYS B 121 0.16 -14.12 -8.06
N ILE B 122 0.96 -14.21 -7.00
CA ILE B 122 2.36 -14.60 -7.12
C ILE B 122 2.44 -16.09 -7.46
N PHE B 123 1.71 -16.90 -6.71
CA PHE B 123 1.66 -18.34 -6.94
C PHE B 123 1.37 -18.64 -8.43
N GLU B 124 0.57 -17.78 -9.04
CA GLU B 124 0.21 -17.91 -10.46
C GLU B 124 1.40 -17.57 -11.34
N LYS B 125 1.90 -16.35 -11.20
CA LYS B 125 3.04 -15.89 -11.99
C LYS B 125 4.16 -16.93 -12.03
N LEU B 126 4.42 -17.57 -10.91
CA LEU B 126 5.45 -18.61 -10.82
C LEU B 126 4.75 -19.95 -11.02
N GLY B 127 5.49 -21.05 -10.85
CA GLY B 127 4.87 -22.35 -11.03
C GLY B 127 3.87 -22.68 -9.96
N MET B 128 4.27 -22.43 -8.72
CA MET B 128 3.47 -22.68 -7.53
C MET B 128 1.98 -22.75 -7.82
N ALA C 1 4.22 31.94 -17.09
CA ALA C 1 4.60 32.81 -18.24
C ALA C 1 3.81 32.42 -19.47
N ASP C 2 2.57 31.97 -19.26
CA ASP C 2 1.68 31.54 -20.34
C ASP C 2 1.80 32.36 -21.64
N LYS C 3 2.29 31.70 -22.70
CA LYS C 3 2.47 32.30 -24.03
C LYS C 3 3.84 32.96 -24.22
N GLU C 4 4.59 33.10 -23.13
CA GLU C 4 5.92 33.72 -23.19
C GLU C 4 7.04 32.72 -22.85
N LEU C 5 6.69 31.44 -22.76
CA LEU C 5 7.70 30.42 -22.47
C LEU C 5 8.10 29.64 -23.71
N LYS C 6 9.40 29.63 -24.00
CA LYS C 6 9.92 28.90 -25.15
C LYS C 6 10.07 27.41 -24.86
N PHE C 7 9.45 26.58 -25.70
CA PHE C 7 9.55 25.14 -25.53
C PHE C 7 10.55 24.53 -26.50
N LEU C 8 10.56 23.20 -26.56
CA LEU C 8 11.45 22.48 -27.45
C LEU C 8 10.90 21.10 -27.75
N VAL C 9 9.83 21.06 -28.55
CA VAL C 9 9.24 19.80 -28.95
C VAL C 9 10.36 18.96 -29.53
N VAL C 10 10.43 17.70 -29.11
CA VAL C 10 11.47 16.81 -29.58
C VAL C 10 10.92 15.43 -29.93
N ASP C 11 11.00 15.09 -31.20
CA ASP C 11 10.57 13.79 -31.68
C ASP C 11 11.16 13.64 -33.07
N ASP C 12 11.42 12.41 -33.48
CA ASP C 12 12.00 12.17 -34.79
C ASP C 12 10.97 12.28 -35.92
N PHE C 13 9.73 11.84 -35.68
CA PHE C 13 8.68 11.90 -36.70
C PHE C 13 8.25 13.34 -36.92
N SER C 14 8.52 13.84 -38.11
CA SER C 14 8.15 15.22 -38.47
C SER C 14 6.64 15.39 -38.35
N THR C 15 5.91 14.32 -38.65
CA THR C 15 4.46 14.32 -38.57
C THR C 15 4.01 14.65 -37.15
N MET C 16 4.51 13.87 -36.19
CA MET C 16 4.18 14.04 -34.78
C MET C 16 4.59 15.40 -34.22
N ARG C 17 5.79 15.87 -34.56
CA ARG C 17 6.23 17.15 -34.05
C ARG C 17 5.26 18.25 -34.44
N ARG C 18 4.79 18.22 -35.69
CA ARG C 18 3.86 19.25 -36.14
C ARG C 18 2.63 19.23 -35.23
N ILE C 19 2.16 18.03 -34.90
CA ILE C 19 0.99 17.88 -34.04
C ILE C 19 1.21 18.60 -32.72
N VAL C 20 2.30 18.27 -32.04
CA VAL C 20 2.64 18.89 -30.77
C VAL C 20 2.68 20.40 -30.96
N ARG C 21 3.27 20.83 -32.07
CA ARG C 21 3.40 22.24 -32.41
C ARG C 21 2.08 23.00 -32.47
N ASN C 22 1.10 22.45 -33.19
CA ASN C 22 -0.22 23.09 -33.28
C ASN C 22 -0.82 23.12 -31.89
N LEU C 23 -0.65 22.02 -31.17
CA LEU C 23 -1.16 21.88 -29.82
C LEU C 23 -0.66 23.01 -28.95
N LEU C 24 0.62 23.36 -29.07
CA LEU C 24 1.17 24.45 -28.28
C LEU C 24 0.60 25.79 -28.76
N LYS C 25 0.45 25.91 -30.07
CA LYS C 25 -0.09 27.13 -30.71
C LYS C 25 -1.51 27.40 -30.24
N GLU C 26 -2.35 26.37 -30.29
CA GLU C 26 -3.74 26.46 -29.88
C GLU C 26 -3.84 26.78 -28.37
N LEU C 27 -2.77 26.51 -27.63
CA LEU C 27 -2.73 26.76 -26.19
C LEU C 27 -2.43 28.23 -25.94
N GLY C 28 -1.63 28.81 -26.82
CA GLY C 28 -1.28 30.22 -26.71
C GLY C 28 0.21 30.45 -26.79
N PHE C 29 0.99 29.38 -26.64
CA PHE C 29 2.44 29.49 -26.68
C PHE C 29 2.92 29.33 -28.11
N ASN C 30 3.16 30.45 -28.78
CA ASN C 30 3.61 30.48 -30.18
C ASN C 30 5.12 30.31 -30.35
N ASN C 31 5.88 30.70 -29.32
CA ASN C 31 7.33 30.53 -29.38
C ASN C 31 7.62 29.05 -29.15
N VAL C 32 7.39 28.26 -30.19
CA VAL C 32 7.62 26.84 -30.14
C VAL C 32 8.81 26.50 -31.02
N GLU C 33 9.86 25.94 -30.41
CA GLU C 33 11.03 25.56 -31.20
C GLU C 33 10.80 24.12 -31.58
N GLU C 34 11.89 23.45 -31.93
CA GLU C 34 11.80 22.06 -32.30
C GLU C 34 13.12 21.34 -32.09
N ALA C 35 13.13 20.07 -32.46
CA ALA C 35 14.31 19.24 -32.33
C ALA C 35 13.97 17.90 -32.93
N GLU C 36 14.94 17.30 -33.62
CA GLU C 36 14.70 16.03 -34.23
C GLU C 36 15.26 14.92 -33.39
N ASP C 37 16.16 15.25 -32.44
CA ASP C 37 16.78 14.24 -31.57
C ASP C 37 17.36 14.87 -30.32
N GLY C 38 17.93 14.02 -29.46
CA GLY C 38 18.52 14.48 -28.22
C GLY C 38 19.71 15.44 -28.34
N VAL C 39 20.70 15.05 -29.15
CA VAL C 39 21.88 15.88 -29.37
C VAL C 39 21.39 17.28 -29.70
N ASP C 40 20.53 17.38 -30.72
CA ASP C 40 19.97 18.64 -31.17
C ASP C 40 19.22 19.31 -30.03
N ALA C 41 18.49 18.52 -29.27
CA ALA C 41 17.72 19.04 -28.16
C ALA C 41 18.67 19.73 -27.19
N LEU C 42 19.65 18.98 -26.72
CA LEU C 42 20.66 19.51 -25.80
C LEU C 42 21.34 20.70 -26.45
N ASN C 43 21.48 20.65 -27.77
CA ASN C 43 22.12 21.74 -28.50
C ASN C 43 21.32 23.03 -28.43
N LYS C 44 20.02 22.96 -28.69
CA LYS C 44 19.19 24.17 -28.63
C LYS C 44 19.04 24.69 -27.21
N LEU C 45 18.96 23.77 -26.24
CA LEU C 45 18.85 24.17 -24.84
C LEU C 45 20.06 25.02 -24.46
N GLN C 46 21.20 24.70 -25.07
CA GLN C 46 22.45 25.41 -24.85
C GLN C 46 22.23 26.92 -24.84
N ALA C 47 21.71 27.43 -25.95
CA ALA C 47 21.43 28.86 -26.09
C ALA C 47 20.67 29.45 -24.89
N GLY C 48 19.84 28.61 -24.25
CA GLY C 48 19.07 29.06 -23.11
C GLY C 48 17.72 29.59 -23.52
N GLY C 49 16.95 30.06 -22.55
CA GLY C 49 15.63 30.59 -22.86
C GLY C 49 14.55 29.52 -22.91
N TYR C 50 14.85 28.36 -22.32
CA TYR C 50 13.93 27.23 -22.28
C TYR C 50 13.51 26.90 -20.85
N GLY C 51 12.21 27.03 -20.60
CA GLY C 51 11.68 26.72 -19.27
C GLY C 51 10.91 25.42 -19.27
N PHE C 52 10.78 24.77 -20.43
CA PHE C 52 10.05 23.52 -20.52
C PHE C 52 10.40 22.71 -21.77
N VAL C 53 10.38 21.38 -21.63
CA VAL C 53 10.71 20.45 -22.71
C VAL C 53 9.73 19.28 -22.86
N ILE C 54 9.29 19.03 -24.10
CA ILE C 54 8.38 17.94 -24.40
C ILE C 54 9.13 16.98 -25.31
N SER C 55 9.18 15.70 -24.98
CA SER C 55 9.94 14.82 -25.85
C SER C 55 9.55 13.35 -25.94
N ASP C 56 9.70 12.83 -27.16
CA ASP C 56 9.39 11.46 -27.54
C ASP C 56 10.41 10.55 -26.88
N TRP C 57 10.27 9.25 -27.06
CA TRP C 57 11.22 8.34 -26.46
C TRP C 57 12.18 7.90 -27.56
N ASN C 58 11.67 7.10 -28.51
CA ASN C 58 12.48 6.59 -29.62
C ASN C 58 12.94 7.64 -30.62
N MET C 59 14.16 8.13 -30.46
CA MET C 59 14.72 9.13 -31.36
C MET C 59 16.17 8.82 -31.76
N PRO C 60 16.55 9.12 -33.02
CA PRO C 60 17.92 8.87 -33.49
C PRO C 60 18.97 9.72 -32.77
N ASN C 61 20.18 9.18 -32.69
CA ASN C 61 21.35 9.83 -32.08
C ASN C 61 21.38 9.99 -30.56
N MET C 62 20.22 10.11 -29.94
CA MET C 62 20.09 10.25 -28.49
C MET C 62 18.61 10.27 -28.18
N ASP C 63 18.15 9.23 -27.48
CA ASP C 63 16.73 9.15 -27.15
C ASP C 63 16.29 9.88 -25.90
N GLY C 64 14.98 9.85 -25.69
CA GLY C 64 14.39 10.53 -24.56
C GLY C 64 14.89 10.12 -23.20
N LEU C 65 14.89 8.82 -22.91
CA LEU C 65 15.36 8.38 -21.61
C LEU C 65 16.73 9.04 -21.38
N GLU C 66 17.65 8.77 -22.30
CA GLU C 66 18.99 9.32 -22.21
C GLU C 66 18.98 10.84 -22.23
N LEU C 67 18.06 11.43 -22.98
CA LEU C 67 17.99 12.88 -23.06
C LEU C 67 17.55 13.38 -21.66
N LEU C 68 16.65 12.63 -21.04
CA LEU C 68 16.15 12.96 -19.72
C LEU C 68 17.29 12.91 -18.69
N LYS C 69 17.94 11.74 -18.60
CA LYS C 69 19.05 11.52 -17.67
C LYS C 69 20.13 12.58 -17.77
N THR C 70 20.57 12.88 -18.99
CA THR C 70 21.61 13.87 -19.19
C THR C 70 21.19 15.24 -18.65
N ILE C 71 19.96 15.66 -18.93
CA ILE C 71 19.47 16.97 -18.45
C ILE C 71 19.50 16.99 -16.92
N ARG C 72 19.04 15.90 -16.33
CA ARG C 72 19.02 15.76 -14.88
C ARG C 72 20.43 15.86 -14.28
N ALA C 73 21.42 15.35 -15.02
CA ALA C 73 22.81 15.36 -14.59
C ALA C 73 23.49 16.72 -14.73
N ASP C 74 23.04 17.52 -15.69
CA ASP C 74 23.59 18.83 -15.94
C ASP C 74 23.36 19.77 -14.77
N GLY C 75 24.22 20.78 -14.64
CA GLY C 75 24.10 21.74 -13.56
C GLY C 75 22.97 22.75 -13.67
N ALA C 76 23.08 23.64 -14.66
CA ALA C 76 22.06 24.68 -14.86
C ALA C 76 20.76 24.15 -15.46
N MET C 77 20.74 22.85 -15.78
CA MET C 77 19.56 22.22 -16.35
C MET C 77 19.04 21.08 -15.48
N SER C 78 19.62 20.95 -14.29
CA SER C 78 19.22 19.90 -13.36
C SER C 78 17.70 19.75 -13.29
N ALA C 79 17.04 20.75 -12.70
CA ALA C 79 15.59 20.73 -12.54
C ALA C 79 14.81 21.34 -13.70
N LEU C 80 14.85 20.69 -14.85
CA LEU C 80 14.13 21.17 -16.01
C LEU C 80 12.96 20.28 -16.41
N PRO C 81 11.80 20.89 -16.69
CA PRO C 81 10.56 20.23 -17.10
C PRO C 81 10.72 19.37 -18.33
N VAL C 82 10.69 18.06 -18.14
CA VAL C 82 10.81 17.11 -19.23
C VAL C 82 9.53 16.29 -19.30
N LEU C 83 8.64 16.64 -20.21
CA LEU C 83 7.39 15.90 -20.39
C LEU C 83 7.55 14.82 -21.44
N MET C 84 7.40 13.57 -21.05
CA MET C 84 7.51 12.48 -22.01
C MET C 84 6.19 12.34 -22.76
N VAL C 85 6.28 12.10 -24.05
CA VAL C 85 5.12 11.92 -24.91
C VAL C 85 5.57 10.86 -25.90
N THR C 86 5.24 9.61 -25.58
CA THR C 86 5.67 8.47 -26.37
C THR C 86 4.62 7.37 -26.44
N ALA C 87 4.80 6.49 -27.43
CA ALA C 87 3.89 5.35 -27.60
C ALA C 87 4.32 4.25 -26.63
N GLU C 88 5.45 4.47 -25.97
CA GLU C 88 5.99 3.51 -25.02
C GLU C 88 5.16 3.45 -23.75
N ALA C 89 4.64 2.26 -23.43
CA ALA C 89 3.82 2.10 -22.25
C ALA C 89 4.07 0.82 -21.47
N LYS C 90 5.17 0.13 -21.75
CA LYS C 90 5.51 -1.09 -21.01
C LYS C 90 5.86 -0.72 -19.56
N LYS C 91 5.29 -1.44 -18.62
CA LYS C 91 5.54 -1.21 -17.20
C LYS C 91 7.02 -0.87 -16.94
N GLU C 92 7.90 -1.82 -17.26
CA GLU C 92 9.34 -1.67 -17.06
C GLU C 92 9.84 -0.28 -17.46
N ASN C 93 9.39 0.20 -18.62
CA ASN C 93 9.80 1.51 -19.11
C ASN C 93 9.24 2.70 -18.34
N ILE C 94 7.98 2.60 -17.91
CA ILE C 94 7.37 3.69 -17.15
C ILE C 94 8.10 3.83 -15.82
N ILE C 95 8.45 2.69 -15.24
CA ILE C 95 9.16 2.66 -13.97
C ILE C 95 10.52 3.32 -14.13
N ALA C 96 11.17 3.07 -15.27
CA ALA C 96 12.49 3.63 -15.56
C ALA C 96 12.38 5.13 -15.84
N ALA C 97 11.27 5.53 -16.44
CA ALA C 97 11.05 6.93 -16.76
C ALA C 97 10.87 7.74 -15.48
N ALA C 98 10.07 7.19 -14.56
CA ALA C 98 9.80 7.84 -13.29
C ALA C 98 11.10 7.84 -12.49
N GLN C 99 11.82 6.74 -12.57
CA GLN C 99 13.08 6.58 -11.86
C GLN C 99 14.08 7.62 -12.39
N ALA C 100 14.15 7.76 -13.71
CA ALA C 100 15.06 8.74 -14.31
C ALA C 100 14.62 10.16 -14.02
N GLY C 101 13.40 10.31 -13.50
CA GLY C 101 12.90 11.62 -13.16
C GLY C 101 12.12 12.35 -14.24
N ALA C 102 11.30 11.62 -14.97
CA ALA C 102 10.48 12.26 -16.00
C ALA C 102 9.56 13.23 -15.26
N SER C 103 9.34 14.40 -15.83
CA SER C 103 8.45 15.36 -15.21
C SER C 103 7.05 14.77 -15.30
N GLY C 104 6.62 14.44 -16.51
CA GLY C 104 5.31 13.88 -16.75
C GLY C 104 5.36 12.79 -17.80
N TYR C 105 4.22 12.18 -18.14
CA TYR C 105 4.19 11.11 -19.12
C TYR C 105 2.86 11.01 -19.87
N VAL C 106 2.92 11.07 -21.20
CA VAL C 106 1.75 11.00 -22.05
C VAL C 106 1.89 9.88 -23.07
N VAL C 107 0.92 8.98 -23.12
CA VAL C 107 0.95 7.86 -24.07
C VAL C 107 0.28 8.24 -25.38
N LYS C 108 0.79 7.68 -26.47
CA LYS C 108 0.25 7.91 -27.79
C LYS C 108 -0.60 6.68 -28.12
N PRO C 109 -1.77 6.87 -28.77
CA PRO C 109 -2.40 8.11 -29.23
C PRO C 109 -2.89 8.94 -28.07
N PHE C 110 -2.67 10.24 -28.12
CA PHE C 110 -3.14 11.11 -27.05
C PHE C 110 -4.10 12.11 -27.67
N THR C 111 -4.92 12.72 -26.83
CA THR C 111 -5.89 13.70 -27.29
C THR C 111 -5.34 15.09 -26.97
N ALA C 112 -5.84 16.10 -27.68
CA ALA C 112 -5.40 17.45 -27.43
C ALA C 112 -5.80 17.82 -25.99
N ALA C 113 -6.67 17.00 -25.42
CA ALA C 113 -7.13 17.22 -24.05
C ALA C 113 -6.12 16.64 -23.06
N THR C 114 -5.74 15.38 -23.27
CA THR C 114 -4.78 14.74 -22.39
C THR C 114 -3.47 15.50 -22.29
N LEU C 115 -2.91 15.84 -23.45
CA LEU C 115 -1.65 16.58 -23.49
C LEU C 115 -1.81 17.96 -22.84
N GLU C 116 -2.84 18.69 -23.24
CA GLU C 116 -3.12 20.00 -22.67
C GLU C 116 -3.26 19.86 -21.17
N GLU C 117 -4.04 18.87 -20.75
CA GLU C 117 -4.27 18.59 -19.35
C GLU C 117 -2.96 18.41 -18.59
N LYS C 118 -2.11 17.52 -19.10
CA LYS C 118 -0.83 17.21 -18.47
C LYS C 118 0.13 18.40 -18.39
N LEU C 119 0.26 19.14 -19.50
CA LEU C 119 1.15 20.29 -19.53
C LEU C 119 0.88 21.26 -18.41
N ASN C 120 -0.41 21.45 -18.10
CA ASN C 120 -0.82 22.36 -17.05
C ASN C 120 -0.52 21.81 -15.66
N LYS C 121 -0.69 20.51 -15.49
CA LYS C 121 -0.42 19.92 -14.18
C LYS C 121 1.06 20.03 -13.87
N ILE C 122 1.88 20.23 -14.90
CA ILE C 122 3.33 20.37 -14.72
C ILE C 122 3.64 21.84 -14.47
N PHE C 123 2.99 22.72 -15.23
CA PHE C 123 3.16 24.16 -15.09
C PHE C 123 2.75 24.55 -13.67
N GLU C 124 1.70 23.92 -13.18
CA GLU C 124 1.20 24.15 -11.83
C GLU C 124 2.19 23.52 -10.85
N LYS C 125 2.61 22.31 -11.17
CA LYS C 125 3.54 21.56 -10.36
C LYS C 125 4.87 22.31 -10.15
N LEU C 126 4.99 23.49 -10.76
CA LEU C 126 6.20 24.30 -10.65
C LEU C 126 5.92 25.80 -10.55
N MET D 1 -21.10 -3.51 51.36
CA MET D 1 -19.97 -2.82 50.67
C MET D 1 -20.35 -2.57 49.21
N GLY D 2 -19.91 -1.44 48.67
CA GLY D 2 -20.24 -1.12 47.30
C GLY D 2 -19.26 -1.68 46.28
N ASP D 3 -19.67 -1.73 45.03
CA ASP D 3 -18.82 -2.24 43.97
C ASP D 3 -17.75 -1.23 43.58
N SER D 4 -16.74 -1.73 42.88
CA SER D 4 -15.67 -0.89 42.41
C SER D 4 -15.95 -0.70 40.93
N ILE D 5 -16.57 0.41 40.58
CA ILE D 5 -16.89 0.69 39.20
C ILE D 5 -15.94 1.73 38.64
N LEU D 6 -15.42 1.46 37.45
CA LEU D 6 -14.49 2.37 36.79
C LEU D 6 -15.17 3.18 35.70
N SER D 7 -14.79 4.45 35.57
CA SER D 7 -15.36 5.34 34.56
C SER D 7 -14.65 5.05 33.25
N GLN D 8 -15.21 5.53 32.16
CA GLN D 8 -14.63 5.34 30.83
C GLN D 8 -13.21 5.91 30.78
N ALA D 9 -12.99 7.02 31.48
CA ALA D 9 -11.66 7.65 31.51
C ALA D 9 -10.67 6.77 32.27
N GLU D 10 -11.09 6.24 33.42
CA GLU D 10 -10.20 5.38 34.20
C GLU D 10 -9.93 4.11 33.38
N ILE D 11 -10.93 3.68 32.63
CA ILE D 11 -10.79 2.49 31.81
C ILE D 11 -9.80 2.75 30.68
N ASP D 12 -9.88 3.94 30.09
CA ASP D 12 -8.98 4.31 28.99
C ASP D 12 -7.53 4.19 29.40
N ALA D 13 -7.25 4.51 30.66
CA ALA D 13 -5.88 4.46 31.19
C ALA D 13 -5.19 3.13 30.92
N LEU D 14 -5.87 2.01 31.16
CA LEU D 14 -5.23 0.73 30.89
C LEU D 14 -5.67 -0.08 29.68
N LEU D 15 -6.73 0.35 29.00
CA LEU D 15 -7.21 -0.41 27.85
C LEU D 15 -7.26 0.33 26.54
N ASN D 16 -7.32 1.65 26.59
CA ASN D 16 -7.44 2.39 25.32
C ASN D 16 -6.33 3.38 24.84
N ASP E 3 6.76 11.62 -5.19
CA ASP E 3 5.82 12.75 -4.94
C ASP E 3 4.85 12.45 -3.80
N SER E 4 3.69 11.91 -4.15
CA SER E 4 2.67 11.59 -3.16
C SER E 4 2.48 10.10 -2.89
N ILE E 5 1.41 9.78 -2.17
CA ILE E 5 1.08 8.43 -1.75
C ILE E 5 0.17 7.68 -2.72
N LEU E 6 0.50 6.42 -2.97
CA LEU E 6 -0.26 5.59 -3.90
C LEU E 6 -1.16 4.60 -3.16
N SER E 7 -2.36 4.41 -3.69
CA SER E 7 -3.34 3.48 -3.12
C SER E 7 -2.95 2.07 -3.53
N GLN E 8 -3.51 1.09 -2.85
CA GLN E 8 -3.24 -0.31 -3.16
C GLN E 8 -3.61 -0.61 -4.60
N ALA E 9 -4.66 0.03 -5.10
CA ALA E 9 -5.11 -0.18 -6.47
C ALA E 9 -4.09 0.40 -7.46
N GLU E 10 -3.64 1.61 -7.19
CA GLU E 10 -2.65 2.25 -8.06
C GLU E 10 -1.36 1.45 -8.01
N ILE E 11 -1.09 0.85 -6.86
CA ILE E 11 0.12 0.05 -6.69
C ILE E 11 0.00 -1.23 -7.47
N ASP E 12 -1.19 -1.82 -7.46
CA ASP E 12 -1.43 -3.07 -8.19
C ASP E 12 -1.10 -2.91 -9.67
N ALA E 13 -1.37 -1.74 -10.21
CA ALA E 13 -1.13 -1.45 -11.61
C ALA E 13 0.28 -1.82 -12.07
N LEU E 14 1.30 -1.45 -11.29
CA LEU E 14 2.66 -1.78 -11.69
C LEU E 14 3.41 -2.85 -10.93
N LEU E 15 2.82 -3.39 -9.86
CA LEU E 15 3.49 -4.41 -9.08
C LEU E 15 2.73 -5.71 -8.88
N ASN E 16 1.41 -5.68 -9.00
CA ASN E 16 0.66 -6.91 -8.75
C ASN E 16 -0.12 -7.57 -9.92
N ASP F 3 2.95 -8.52 -22.25
CA ASP F 3 3.86 -7.37 -22.51
C ASP F 3 3.86 -6.37 -21.35
N SER F 4 2.77 -6.40 -20.57
CA SER F 4 2.63 -5.51 -19.42
C SER F 4 2.60 -4.05 -19.89
N ILE F 5 1.43 -3.63 -20.34
CA ILE F 5 1.21 -2.27 -20.81
C ILE F 5 0.32 -1.50 -19.84
N LEU F 6 0.70 -0.26 -19.54
CA LEU F 6 -0.05 0.57 -18.61
C LEU F 6 -0.91 1.60 -19.33
N SER F 7 -2.11 1.84 -18.81
CA SER F 7 -3.03 2.82 -19.38
C SER F 7 -2.60 4.19 -18.91
N GLN F 8 -3.12 5.22 -19.58
CA GLN F 8 -2.79 6.60 -19.23
C GLN F 8 -3.16 6.88 -17.79
N ALA F 9 -4.24 6.26 -17.32
CA ALA F 9 -4.68 6.47 -15.95
C ALA F 9 -3.72 5.84 -14.96
N GLU F 10 -3.29 4.61 -15.26
CA GLU F 10 -2.36 3.92 -14.40
C GLU F 10 -1.03 4.67 -14.42
N ILE F 11 -0.70 5.26 -15.56
CA ILE F 11 0.53 6.02 -15.70
C ILE F 11 0.44 7.30 -14.87
N ASP F 12 -0.73 7.95 -14.88
CA ASP F 12 -0.93 9.18 -14.13
C ASP F 12 -0.63 8.98 -12.66
N ALA F 13 -0.95 7.80 -12.16
CA ALA F 13 -0.73 7.47 -10.75
C ALA F 13 0.69 7.77 -10.26
N LEU F 14 1.71 7.40 -11.04
CA LEU F 14 3.07 7.66 -10.62
C LEU F 14 3.86 8.72 -11.36
N LEU F 15 3.31 9.29 -12.41
CA LEU F 15 4.03 10.30 -13.17
C LEU F 15 3.32 11.63 -13.34
N ASN F 16 2.00 11.66 -13.25
CA ASN F 16 1.31 12.93 -13.47
C ASN F 16 0.56 13.60 -12.28
#